data_4I1G
# 
_entry.id   4I1G 
# 
_audit_conform.dict_name       mmcif_pdbx.dic 
_audit_conform.dict_version    5.379 
_audit_conform.dict_location   http://mmcif.pdb.org/dictionaries/ascii/mmcif_pdbx.dic 
# 
loop_
_database_2.database_id 
_database_2.database_code 
_database_2.pdbx_database_accession 
_database_2.pdbx_DOI 
PDB   4I1G         pdb_00004i1g 10.2210/pdb4i1g/pdb 
NDB   NA2127       ?            ?                   
RCSB  RCSB076183   ?            ?                   
WWPDB D_1000076183 ?            ?                   
# 
_pdbx_database_related.db_name        PDB 
_pdbx_database_related.db_id          4H5A 
_pdbx_database_related.details        . 
_pdbx_database_related.content_type   unspecified 
# 
_pdbx_database_status.status_code                     REL 
_pdbx_database_status.entry_id                        4I1G 
_pdbx_database_status.recvd_initial_deposition_date   2012-11-20 
_pdbx_database_status.deposit_site                    RCSB 
_pdbx_database_status.process_site                    RCSB 
_pdbx_database_status.status_code_sf                  REL 
_pdbx_database_status.status_code_mr                  ? 
_pdbx_database_status.SG_entry                        ? 
_pdbx_database_status.status_code_cs                  ? 
_pdbx_database_status.methods_development_category    ? 
_pdbx_database_status.pdb_format_compatible           Y 
_pdbx_database_status.status_code_nmr_data            ? 
# 
loop_
_audit_author.name 
_audit_author.pdbx_ordinal 
'Zhang, W.'    1 
'Coronado, G.' 2 
'Huang, Z.'    3 
# 
_citation.id                        primary 
_citation.title                     'dna octamer d(GTseGTACAC) partially crosslinked with two platinums' 
_citation.journal_abbrev            'TO BE PUBLISHED' 
_citation.journal_volume            ? 
_citation.page_first                ? 
_citation.page_last                 ? 
_citation.year                      ? 
_citation.journal_id_ASTM           ? 
_citation.country                   ? 
_citation.journal_id_ISSN           ? 
_citation.journal_id_CSD            0353 
_citation.book_publisher            ? 
_citation.pdbx_database_id_PubMed   ? 
_citation.pdbx_database_id_DOI      ? 
# 
loop_
_citation_author.citation_id 
_citation_author.name 
_citation_author.ordinal 
_citation_author.identifier_ORCID 
primary 'Zhang, W.'    1 ? 
primary 'Coronado, G.' 2 ? 
primary 'Huang, Z.'    3 ? 
# 
_cell.entry_id           4I1G 
_cell.length_a           42.368 
_cell.length_b           42.368 
_cell.length_c           24.056 
_cell.angle_alpha        90.00 
_cell.angle_beta         90.00 
_cell.angle_gamma        90.00 
_cell.Z_PDB              8 
_cell.pdbx_unique_axis   ? 
_cell.length_a_esd       ? 
_cell.length_b_esd       ? 
_cell.length_c_esd       ? 
_cell.angle_alpha_esd    ? 
_cell.angle_beta_esd     ? 
_cell.angle_gamma_esd    ? 
# 
_symmetry.entry_id                         4I1G 
_symmetry.space_group_name_H-M             'P 43 21 2' 
_symmetry.pdbx_full_space_group_name_H-M   ? 
_symmetry.cell_setting                     ? 
_symmetry.Int_Tables_number                96 
_symmetry.space_group_name_Hall            ? 
# 
loop_
_entity.id 
_entity.type 
_entity.src_method 
_entity.pdbx_description 
_entity.formula_weight 
_entity.pdbx_number_of_molecules 
_entity.pdbx_ec 
_entity.pdbx_mutation 
_entity.pdbx_fragment 
_entity.details 
1 polymer     syn 
;DNA (5'-D(*GP*(2ST)P*GP*GP*CP*CP*AP*C)-3')
;
2520.592 1  ? ? ? 'DNA Octamer d(GTseGTACAC)' 
2 non-polymer syn 'PLATINUM (II) ION'                          195.078  2  ? ? ? ?                           
3 water       nat water                                        18.015   21 ? ? ? ?                           
# 
_entity_poly.entity_id                      1 
_entity_poly.type                           polydeoxyribonucleotide 
_entity_poly.nstd_linkage                   no 
_entity_poly.nstd_monomer                   yes 
_entity_poly.pdbx_seq_one_letter_code       '(DG)(2ST)(DG)(DG)(DC)(DC)(DA)(DC)' 
_entity_poly.pdbx_seq_one_letter_code_can   GTGGCCAC 
_entity_poly.pdbx_strand_id                 A 
_entity_poly.pdbx_target_identifier         ? 
# 
loop_
_entity_poly_seq.entity_id 
_entity_poly_seq.num 
_entity_poly_seq.mon_id 
_entity_poly_seq.hetero 
1 1 DG  n 
1 2 2ST n 
1 3 DG  n 
1 4 DG  n 
1 5 DC  n 
1 6 DC  n 
1 7 DA  n 
1 8 DC  n 
# 
_pdbx_entity_src_syn.entity_id              1 
_pdbx_entity_src_syn.pdbx_src_id            1 
_pdbx_entity_src_syn.pdbx_alt_source_flag   sample 
_pdbx_entity_src_syn.pdbx_beg_seq_num       ? 
_pdbx_entity_src_syn.pdbx_end_seq_num       ? 
_pdbx_entity_src_syn.organism_scientific    'synthetic construct' 
_pdbx_entity_src_syn.organism_common_name   synthetic 
_pdbx_entity_src_syn.ncbi_taxonomy_id       32630 
_pdbx_entity_src_syn.details                ? 
# 
_struct_ref.id                         1 
_struct_ref.db_name                    PDB 
_struct_ref.db_code                    4I1G 
_struct_ref.pdbx_db_accession          4I1G 
_struct_ref.entity_id                  1 
_struct_ref.pdbx_align_begin           ? 
_struct_ref.pdbx_seq_one_letter_code   ? 
_struct_ref.pdbx_db_isoform            ? 
# 
_struct_ref_seq.align_id                      1 
_struct_ref_seq.ref_id                        1 
_struct_ref_seq.pdbx_PDB_id_code              4I1G 
_struct_ref_seq.pdbx_strand_id                A 
_struct_ref_seq.seq_align_beg                 1 
_struct_ref_seq.pdbx_seq_align_beg_ins_code   ? 
_struct_ref_seq.seq_align_end                 8 
_struct_ref_seq.pdbx_seq_align_end_ins_code   ? 
_struct_ref_seq.pdbx_db_accession             4I1G 
_struct_ref_seq.db_align_beg                  1 
_struct_ref_seq.pdbx_db_align_beg_ins_code    ? 
_struct_ref_seq.db_align_end                  8 
_struct_ref_seq.pdbx_db_align_end_ins_code    ? 
_struct_ref_seq.pdbx_auth_seq_align_beg       1 
_struct_ref_seq.pdbx_auth_seq_align_end       8 
# 
loop_
_chem_comp.id 
_chem_comp.type 
_chem_comp.mon_nstd_flag 
_chem_comp.name 
_chem_comp.pdbx_synonyms 
_chem_comp.formula 
_chem_comp.formula_weight 
2ST 'DNA linking' n 
;5-METHYL-2'-SE-METHYL-2'-SELENOURIDINE 5'-(DIHYDROGEN PHOSPHATE)
;
? 'C11 H17 N2 O8 P Se' 415.195 
DA  'DNA linking' y "2'-DEOXYADENOSINE-5'-MONOPHOSPHATE"                               ? 'C10 H14 N5 O6 P'    331.222 
DC  'DNA linking' y "2'-DEOXYCYTIDINE-5'-MONOPHOSPHATE"                                ? 'C9 H14 N3 O7 P'     307.197 
DG  'DNA linking' y "2'-DEOXYGUANOSINE-5'-MONOPHOSPHATE"                               ? 'C10 H14 N5 O7 P'    347.221 
HOH non-polymer   . WATER                                                              ? 'H2 O'               18.015  
PT  non-polymer   . 'PLATINUM (II) ION'                                                ? 'Pt 2'               195.078 
# 
_exptl.entry_id          4I1G 
_exptl.method            'X-RAY DIFFRACTION' 
_exptl.crystals_number   1 
# 
_exptl_crystal.id                    1 
_exptl_crystal.density_meas          ? 
_exptl_crystal.density_Matthews      1.97 
_exptl_crystal.density_percent_sol   42.56 
_exptl_crystal.description           ? 
_exptl_crystal.F_000                 ? 
_exptl_crystal.preparation           ? 
# 
_exptl_crystal_grow.crystal_id      1 
_exptl_crystal_grow.method          'VAPOR DIFFUSION, HANGING DROP' 
_exptl_crystal_grow.temp            298.0 
_exptl_crystal_grow.temp_details    ? 
_exptl_crystal_grow.pH              6.0 
_exptl_crystal_grow.pdbx_details    
;10% MPD, 40 mM Sodium codylate trihydrate, 12 mM Spermine tetrahydrochloride, 80 mM Strontium chloride , pH 6.0, VAPOR DIFFUSION, HANGING DROP, temperature 298.0K
;
_exptl_crystal_grow.pdbx_pH_range   ? 
# 
_diffrn.id                     1 
_diffrn.ambient_temp           200 
_diffrn.ambient_temp_details   ? 
_diffrn.crystal_id             1 
# 
_diffrn_detector.diffrn_id              1 
_diffrn_detector.detector               CCD 
_diffrn_detector.type                   CUSTOM-MADE 
_diffrn_detector.pdbx_collection_date   2012-09-27 
_diffrn_detector.details                ? 
# 
_diffrn_radiation.diffrn_id                        1 
_diffrn_radiation.wavelength_id                    1 
_diffrn_radiation.pdbx_monochromatic_or_laue_m_l   M 
_diffrn_radiation.monochromator                    ? 
_diffrn_radiation.pdbx_diffrn_protocol             'SINGLE WAVELENGTH' 
_diffrn_radiation.pdbx_scattering_type             x-ray 
# 
_diffrn_radiation_wavelength.id           1 
_diffrn_radiation_wavelength.wavelength   0.97 
_diffrn_radiation_wavelength.wt           1.0 
# 
_diffrn_source.diffrn_id                   1 
_diffrn_source.source                      SYNCHROTRON 
_diffrn_source.type                        'ALS BEAMLINE 12.3.1' 
_diffrn_source.pdbx_synchrotron_site       ALS 
_diffrn_source.pdbx_synchrotron_beamline   12.3.1 
_diffrn_source.pdbx_wavelength             ? 
_diffrn_source.pdbx_wavelength_list        0.97 
# 
_reflns.entry_id                     4I1G 
_reflns.observed_criterion_sigma_I   . 
_reflns.observed_criterion_sigma_F   . 
_reflns.d_resolution_low             15.90 
_reflns.d_resolution_high            1.25 
_reflns.number_obs                   5900 
_reflns.number_all                   6256 
_reflns.percent_possible_obs         94.3 
_reflns.pdbx_Rmerge_I_obs            0.094 
_reflns.pdbx_Rsym_value              0.090 
_reflns.pdbx_netI_over_sigmaI        25.6 
_reflns.B_iso_Wilson_estimate        ? 
_reflns.pdbx_redundancy              11.7 
_reflns.R_free_details               ? 
_reflns.limit_h_max                  ? 
_reflns.limit_h_min                  ? 
_reflns.limit_k_max                  ? 
_reflns.limit_k_min                  ? 
_reflns.limit_l_max                  ? 
_reflns.limit_l_min                  ? 
_reflns.observed_criterion_F_max     ? 
_reflns.observed_criterion_F_min     ? 
_reflns.pdbx_chi_squared             ? 
_reflns.pdbx_scaling_rejects         ? 
_reflns.pdbx_ordinal                 1 
_reflns.pdbx_diffrn_id               1 
# 
_refine.entry_id                                 4I1G 
_refine.ls_number_reflns_obs                     5900 
_refine.ls_number_reflns_all                     6256 
_refine.pdbx_ls_sigma_I                          . 
_refine.pdbx_ls_sigma_F                          . 
_refine.pdbx_data_cutoff_high_absF               ? 
_refine.pdbx_data_cutoff_low_absF                ? 
_refine.pdbx_data_cutoff_high_rms_absF           ? 
_refine.ls_d_res_low                             15.90 
_refine.ls_d_res_high                            1.25 
_refine.ls_percent_reflns_obs                    96.34 
_refine.ls_R_factor_obs                          0.20947 
_refine.ls_R_factor_all                          0.20947 
_refine.ls_R_factor_R_work                       0.20908 
_refine.ls_R_factor_R_free                       0.21729 
_refine.ls_R_factor_R_free_error                 ? 
_refine.ls_R_factor_R_free_error_details         ? 
_refine.ls_percent_reflns_R_free                 4.5 
_refine.ls_number_reflns_R_free                  279 
_refine.ls_number_parameters                     ? 
_refine.ls_number_restraints                     ? 
_refine.occupancy_min                            ? 
_refine.occupancy_max                            ? 
_refine.correlation_coeff_Fo_to_Fc               0.957 
_refine.correlation_coeff_Fo_to_Fc_free          0.948 
_refine.B_iso_mean                               18.517 
_refine.aniso_B[1][1]                            0.01 
_refine.aniso_B[2][2]                            0.01 
_refine.aniso_B[3][3]                            -0.01 
_refine.aniso_B[1][2]                            0.00 
_refine.aniso_B[1][3]                            0.00 
_refine.aniso_B[2][3]                            0.00 
_refine.solvent_model_details                    MASK 
_refine.solvent_model_param_ksol                 ? 
_refine.solvent_model_param_bsol                 ? 
_refine.pdbx_solvent_vdw_probe_radii             1.40 
_refine.pdbx_solvent_ion_probe_radii             0.80 
_refine.pdbx_solvent_shrinkage_radii             0.80 
_refine.pdbx_ls_cross_valid_method               THROUGHOUT 
_refine.details                                  'HYDROGENS HAVE BEEN ADDED IN THE RIDING POSITIONS' 
_refine.pdbx_starting_model                      1DNS 
_refine.pdbx_method_to_determine_struct          'MOLECULAR REPLACEMENT' 
_refine.pdbx_isotropic_thermal_model             ? 
_refine.pdbx_stereochemistry_target_values       'MAXIMUM LIKELIHOOD' 
_refine.pdbx_stereochem_target_val_spec_case     ? 
_refine.pdbx_R_Free_selection_details            RANDOM 
_refine.pdbx_overall_ESU_R                       0.052 
_refine.pdbx_overall_ESU_R_Free                  0.051 
_refine.overall_SU_ML                            0.039 
_refine.pdbx_overall_phase_error                 ? 
_refine.overall_SU_B                             0.948 
_refine.overall_SU_R_Cruickshank_DPI             ? 
_refine.ls_redundancy_reflns_obs                 ? 
_refine.B_iso_min                                ? 
_refine.B_iso_max                                ? 
_refine.overall_SU_R_free                        ? 
_refine.ls_wR_factor_R_free                      ? 
_refine.ls_wR_factor_R_work                      ? 
_refine.overall_FOM_free_R_set                   ? 
_refine.overall_FOM_work_R_set                   ? 
_refine.pdbx_diffrn_id                           1 
_refine.pdbx_refine_id                           'X-RAY DIFFRACTION' 
_refine.pdbx_TLS_residual_ADP_flag               ? 
_refine.pdbx_overall_SU_R_free_Cruickshank_DPI   ? 
_refine.pdbx_overall_SU_R_Blow_DPI               ? 
_refine.pdbx_overall_SU_R_free_Blow_DPI          ? 
# 
_refine_hist.pdbx_refine_id                   'X-RAY DIFFRACTION' 
_refine_hist.cycle_id                         LAST 
_refine_hist.pdbx_number_atoms_protein        0 
_refine_hist.pdbx_number_atoms_nucleic_acid   163 
_refine_hist.pdbx_number_atoms_ligand         2 
_refine_hist.number_atoms_solvent             21 
_refine_hist.number_atoms_total               186 
_refine_hist.d_res_high                       1.25 
_refine_hist.d_res_low                        15.90 
# 
loop_
_refine_ls_restr.type 
_refine_ls_restr.dev_ideal 
_refine_ls_restr.dev_ideal_target 
_refine_ls_restr.weight 
_refine_ls_restr.number 
_refine_ls_restr.pdbx_restraint_function 
_refine_ls_restr.pdbx_refine_id 
r_bond_refined_d             0.040 0.021 ? 180 ? 'X-RAY DIFFRACTION' 
r_bond_other_d               ?     ?     ? ?   ? 'X-RAY DIFFRACTION' 
r_angle_refined_deg          3.373 3.000 ? 271 ? 'X-RAY DIFFRACTION' 
r_angle_other_deg            ?     ?     ? ?   ? 'X-RAY DIFFRACTION' 
r_dihedral_angle_1_deg       ?     ?     ? ?   ? 'X-RAY DIFFRACTION' 
r_dihedral_angle_2_deg       ?     ?     ? ?   ? 'X-RAY DIFFRACTION' 
r_dihedral_angle_3_deg       ?     ?     ? ?   ? 'X-RAY DIFFRACTION' 
r_dihedral_angle_4_deg       ?     ?     ? ?   ? 'X-RAY DIFFRACTION' 
r_chiral_restr               0.487 0.200 ? 32  ? 'X-RAY DIFFRACTION' 
r_gen_planes_refined         0.034 0.020 ? 84  ? 'X-RAY DIFFRACTION' 
r_gen_planes_other           ?     ?     ? ?   ? 'X-RAY DIFFRACTION' 
r_nbd_refined                ?     ?     ? ?   ? 'X-RAY DIFFRACTION' 
r_nbd_other                  ?     ?     ? ?   ? 'X-RAY DIFFRACTION' 
r_nbtor_refined              ?     ?     ? ?   ? 'X-RAY DIFFRACTION' 
r_nbtor_other                ?     ?     ? ?   ? 'X-RAY DIFFRACTION' 
r_xyhbond_nbd_refined        ?     ?     ? ?   ? 'X-RAY DIFFRACTION' 
r_xyhbond_nbd_other          ?     ?     ? ?   ? 'X-RAY DIFFRACTION' 
r_metal_ion_refined          ?     ?     ? ?   ? 'X-RAY DIFFRACTION' 
r_metal_ion_other            ?     ?     ? ?   ? 'X-RAY DIFFRACTION' 
r_symmetry_vdw_refined       ?     ?     ? ?   ? 'X-RAY DIFFRACTION' 
r_symmetry_vdw_other         ?     ?     ? ?   ? 'X-RAY DIFFRACTION' 
r_symmetry_hbond_refined     ?     ?     ? ?   ? 'X-RAY DIFFRACTION' 
r_symmetry_hbond_other       ?     ?     ? ?   ? 'X-RAY DIFFRACTION' 
r_symmetry_metal_ion_refined ?     ?     ? ?   ? 'X-RAY DIFFRACTION' 
r_symmetry_metal_ion_other   ?     ?     ? ?   ? 'X-RAY DIFFRACTION' 
r_mcbond_it                  ?     ?     ? ?   ? 'X-RAY DIFFRACTION' 
r_mcbond_other               ?     ?     ? ?   ? 'X-RAY DIFFRACTION' 
r_mcangle_it                 ?     ?     ? ?   ? 'X-RAY DIFFRACTION' 
r_scbond_it                  2.297 3.000 ? 180 ? 'X-RAY DIFFRACTION' 
r_scangle_it                 2.753 4.500 ? 271 ? 'X-RAY DIFFRACTION' 
r_rigid_bond_restr           ?     ?     ? ?   ? 'X-RAY DIFFRACTION' 
r_sphericity_free            ?     ?     ? ?   ? 'X-RAY DIFFRACTION' 
r_sphericity_bonded          ?     ?     ? ?   ? 'X-RAY DIFFRACTION' 
# 
_refine_ls_shell.pdbx_total_number_of_bins_used   20 
_refine_ls_shell.d_res_high                       1.251 
_refine_ls_shell.d_res_low                        1.283 
_refine_ls_shell.number_reflns_R_work             373 
_refine_ls_shell.R_factor_R_work                  0.363 
_refine_ls_shell.percent_reflns_obs               86.67 
_refine_ls_shell.R_factor_R_free                  0.536 
_refine_ls_shell.R_factor_R_free_error            ? 
_refine_ls_shell.percent_reflns_R_free            ? 
_refine_ls_shell.number_reflns_R_free             17 
_refine_ls_shell.number_reflns_all                ? 
_refine_ls_shell.R_factor_all                     ? 
_refine_ls_shell.number_reflns_obs                ? 
_refine_ls_shell.redundancy_reflns_obs            ? 
_refine_ls_shell.pdbx_refine_id                   'X-RAY DIFFRACTION' 
# 
_struct.entry_id                  4I1G 
_struct.title                     'dna octamer d(GTseGTACAC) partially crosslinked with two platinums' 
_struct.pdbx_model_details        ? 
_struct.pdbx_CASP_flag            ? 
_struct.pdbx_model_type_details   ? 
# 
_struct_keywords.entry_id        4I1G 
_struct_keywords.pdbx_keywords   DNA 
_struct_keywords.text            'platinum crosslink, selenium, DNA' 
# 
loop_
_struct_asym.id 
_struct_asym.pdbx_blank_PDB_chainid_flag 
_struct_asym.pdbx_modified 
_struct_asym.entity_id 
_struct_asym.details 
A N N 1 ? 
B N N 2 ? 
C N N 2 ? 
D N N 3 ? 
# 
_struct_biol.id        1 
_struct_biol.details   ? 
# 
loop_
_struct_conn.id 
_struct_conn.conn_type_id 
_struct_conn.pdbx_leaving_atom_flag 
_struct_conn.pdbx_PDB_id 
_struct_conn.ptnr1_label_asym_id 
_struct_conn.ptnr1_label_comp_id 
_struct_conn.ptnr1_label_seq_id 
_struct_conn.ptnr1_label_atom_id 
_struct_conn.pdbx_ptnr1_label_alt_id 
_struct_conn.pdbx_ptnr1_PDB_ins_code 
_struct_conn.pdbx_ptnr1_standard_comp_id 
_struct_conn.ptnr1_symmetry 
_struct_conn.ptnr2_label_asym_id 
_struct_conn.ptnr2_label_comp_id 
_struct_conn.ptnr2_label_seq_id 
_struct_conn.ptnr2_label_atom_id 
_struct_conn.pdbx_ptnr2_label_alt_id 
_struct_conn.pdbx_ptnr2_PDB_ins_code 
_struct_conn.ptnr1_auth_asym_id 
_struct_conn.ptnr1_auth_comp_id 
_struct_conn.ptnr1_auth_seq_id 
_struct_conn.ptnr2_auth_asym_id 
_struct_conn.ptnr2_auth_comp_id 
_struct_conn.ptnr2_auth_seq_id 
_struct_conn.ptnr2_symmetry 
_struct_conn.pdbx_ptnr3_label_atom_id 
_struct_conn.pdbx_ptnr3_label_seq_id 
_struct_conn.pdbx_ptnr3_label_comp_id 
_struct_conn.pdbx_ptnr3_label_asym_id 
_struct_conn.pdbx_ptnr3_label_alt_id 
_struct_conn.pdbx_ptnr3_PDB_ins_code 
_struct_conn.details 
_struct_conn.pdbx_dist_value 
_struct_conn.pdbx_value_order 
_struct_conn.pdbx_role 
covale1  covale both ? A DG  1 "O3'" ? ? ? 1_555 A 2ST 2 P  ? ? A DG  1 A 2ST 2   1_555 ? ? ? ? ? ? ?            1.595 ? ? 
covale2  covale both ? A 2ST 2 "O3'" ? ? ? 1_555 A DG  3 P  ? ? A 2ST 2 A DG  3   1_555 ? ? ? ? ? ? ?            1.625 ? ? 
metalc1  metalc ?    ? A DG  1 N7    ? ? ? 1_555 B PT  . PT ? ? A DG  1 A PT  101 1_555 ? ? ? ? ? ? ?            2.422 ? ? 
metalc2  metalc ?    ? A DG  4 N7    ? ? ? 1_555 C PT  . PT ? ? A DG  4 A PT  102 1_555 ? ? ? ? ? ? ?            2.291 ? ? 
hydrog1  hydrog ?    ? A DG  1 N1    ? ? ? 1_555 A DC  8 N3 ? ? A DG  1 A DC  8   8_554 ? ? ? ? ? ? WATSON-CRICK ?     ? ? 
hydrog2  hydrog ?    ? A DG  1 N2    ? ? ? 1_555 A DC  8 O2 ? ? A DG  1 A DC  8   8_554 ? ? ? ? ? ? WATSON-CRICK ?     ? ? 
hydrog3  hydrog ?    ? A DG  1 O6    ? ? ? 1_555 A DC  8 N4 ? ? A DG  1 A DC  8   8_554 ? ? ? ? ? ? WATSON-CRICK ?     ? ? 
hydrog4  hydrog ?    ? A 2ST 2 N3    ? ? ? 1_555 A DA  7 N1 ? ? A 2ST 2 A DA  7   8_554 ? ? ? ? ? ? WATSON-CRICK ?     ? ? 
hydrog5  hydrog ?    ? A 2ST 2 O4    ? ? ? 1_555 A DA  7 N6 ? ? A 2ST 2 A DA  7   8_554 ? ? ? ? ? ? WATSON-CRICK ?     ? ? 
hydrog6  hydrog ?    ? A DG  3 N1    ? ? ? 1_555 A DC  6 N3 ? ? A DG  3 A DC  6   8_554 ? ? ? ? ? ? WATSON-CRICK ?     ? ? 
hydrog7  hydrog ?    ? A DG  3 N2    ? ? ? 1_555 A DC  6 O2 ? ? A DG  3 A DC  6   8_554 ? ? ? ? ? ? WATSON-CRICK ?     ? ? 
hydrog8  hydrog ?    ? A DG  3 O6    ? ? ? 1_555 A DC  6 N4 ? ? A DG  3 A DC  6   8_554 ? ? ? ? ? ? WATSON-CRICK ?     ? ? 
hydrog9  hydrog ?    ? A DG  4 N1    ? ? ? 1_555 A DC  5 N3 ? ? A DG  4 A DC  5   8_554 ? ? ? ? ? ? WATSON-CRICK ?     ? ? 
hydrog10 hydrog ?    ? A DG  4 N2    ? ? ? 1_555 A DC  5 O2 ? ? A DG  4 A DC  5   8_554 ? ? ? ? ? ? WATSON-CRICK ?     ? ? 
hydrog11 hydrog ?    ? A DG  4 O6    ? ? ? 1_555 A DC  5 N4 ? ? A DG  4 A DC  5   8_554 ? ? ? ? ? ? WATSON-CRICK ?     ? ? 
hydrog12 hydrog ?    ? A DC  5 N3    ? ? ? 1_555 A DG  4 N1 ? ? A DC  5 A DG  4   8_554 ? ? ? ? ? ? WATSON-CRICK ?     ? ? 
hydrog13 hydrog ?    ? A DC  5 N4    ? ? ? 1_555 A DG  4 O6 ? ? A DC  5 A DG  4   8_554 ? ? ? ? ? ? WATSON-CRICK ?     ? ? 
hydrog14 hydrog ?    ? A DC  5 O2    ? ? ? 1_555 A DG  4 N2 ? ? A DC  5 A DG  4   8_554 ? ? ? ? ? ? WATSON-CRICK ?     ? ? 
hydrog15 hydrog ?    ? A DC  6 N3    ? ? ? 1_555 A DG  3 N1 ? ? A DC  6 A DG  3   8_554 ? ? ? ? ? ? WATSON-CRICK ?     ? ? 
hydrog16 hydrog ?    ? A DC  6 N4    ? ? ? 1_555 A DG  3 O6 ? ? A DC  6 A DG  3   8_554 ? ? ? ? ? ? WATSON-CRICK ?     ? ? 
hydrog17 hydrog ?    ? A DC  6 O2    ? ? ? 1_555 A DG  3 N2 ? ? A DC  6 A DG  3   8_554 ? ? ? ? ? ? WATSON-CRICK ?     ? ? 
hydrog18 hydrog ?    ? A DA  7 N1    ? ? ? 1_555 A 2ST 2 N3 ? ? A DA  7 A 2ST 2   8_554 ? ? ? ? ? ? WATSON-CRICK ?     ? ? 
hydrog19 hydrog ?    ? A DA  7 N6    ? ? ? 1_555 A 2ST 2 O4 ? ? A DA  7 A 2ST 2   8_554 ? ? ? ? ? ? WATSON-CRICK ?     ? ? 
hydrog20 hydrog ?    ? A DC  8 N3    ? ? ? 1_555 A DG  1 N1 ? ? A DC  8 A DG  1   8_554 ? ? ? ? ? ? WATSON-CRICK ?     ? ? 
hydrog21 hydrog ?    ? A DC  8 N4    ? ? ? 1_555 A DG  1 O6 ? ? A DC  8 A DG  1   8_554 ? ? ? ? ? ? WATSON-CRICK ?     ? ? 
hydrog22 hydrog ?    ? A DC  8 O2    ? ? ? 1_555 A DG  1 N2 ? ? A DC  8 A DG  1   8_554 ? ? ? ? ? ? WATSON-CRICK ?     ? ? 
# 
loop_
_struct_conn_type.id 
_struct_conn_type.criteria 
_struct_conn_type.reference 
covale ? ? 
metalc ? ? 
hydrog ? ? 
# 
loop_
_struct_site.id 
_struct_site.pdbx_evidence_code 
_struct_site.pdbx_auth_asym_id 
_struct_site.pdbx_auth_comp_id 
_struct_site.pdbx_auth_seq_id 
_struct_site.pdbx_auth_ins_code 
_struct_site.pdbx_num_residues 
_struct_site.details 
AC1 Software A PT 101 ? 1 'BINDING SITE FOR RESIDUE PT A 101' 
AC2 Software A PT 102 ? 1 'BINDING SITE FOR RESIDUE PT A 102' 
# 
loop_
_struct_site_gen.id 
_struct_site_gen.site_id 
_struct_site_gen.pdbx_num_res 
_struct_site_gen.label_comp_id 
_struct_site_gen.label_asym_id 
_struct_site_gen.label_seq_id 
_struct_site_gen.pdbx_auth_ins_code 
_struct_site_gen.auth_comp_id 
_struct_site_gen.auth_asym_id 
_struct_site_gen.auth_seq_id 
_struct_site_gen.label_atom_id 
_struct_site_gen.label_alt_id 
_struct_site_gen.symmetry 
_struct_site_gen.details 
1 AC1 1 DG A 1 ? DG A 1 . ? 1_555 ? 
2 AC2 1 DG A 4 ? DG A 4 . ? 1_555 ? 
# 
_atom_sites.entry_id                    4I1G 
_atom_sites.fract_transf_matrix[1][1]   -0.00778692 
_atom_sites.fract_transf_matrix[1][2]   0.01872547 
_atom_sites.fract_transf_matrix[1][3]   0.01207569 
_atom_sites.fract_transf_matrix[2][1]   -0.00227328 
_atom_sites.fract_transf_matrix[2][2]   -0.01339281 
_atom_sites.fract_transf_matrix[2][3]   0.01930198 
_atom_sites.fract_transf_matrix[3][1]   0.03903778 
_atom_sites.fract_transf_matrix[3][2]   0.00916699 
_atom_sites.fract_transf_matrix[3][3]   0.01095822 
_atom_sites.fract_transf_vector[1]      0.216094 
_atom_sites.fract_transf_vector[2]      -0.233847 
_atom_sites.fract_transf_vector[3]      -0.151773 
# 
loop_
_atom_type.symbol 
C  
N  
O  
P  
PT 
SE 
# 
loop_
_atom_site.group_PDB 
_atom_site.id 
_atom_site.type_symbol 
_atom_site.label_atom_id 
_atom_site.label_alt_id 
_atom_site.label_comp_id 
_atom_site.label_asym_id 
_atom_site.label_entity_id 
_atom_site.label_seq_id 
_atom_site.pdbx_PDB_ins_code 
_atom_site.Cartn_x 
_atom_site.Cartn_y 
_atom_site.Cartn_z 
_atom_site.occupancy 
_atom_site.B_iso_or_equiv 
_atom_site.pdbx_formal_charge 
_atom_site.auth_seq_id 
_atom_site.auth_comp_id 
_atom_site.auth_asym_id 
_atom_site.auth_atom_id 
_atom_site.pdbx_PDB_model_num 
ATOM   1   O  "O5'" . DG  A 1 1 ? -3.602 -12.133 -5.993  1.00 18.10 ? 1   DG  A "O5'" 1 
ATOM   2   C  "C5'" . DG  A 1 1 ? -2.846 -13.263 -6.561  1.00 18.87 ? 1   DG  A "C5'" 1 
ATOM   3   C  "C4'" . DG  A 1 1 ? -1.875 -12.807 -7.638  1.00 16.81 ? 1   DG  A "C4'" 1 
ATOM   4   O  "O4'" . DG  A 1 1 ? -2.598 -12.251 -8.780  1.00 14.95 ? 1   DG  A "O4'" 1 
ATOM   5   C  "C3'" . DG  A 1 1 ? -0.900 -11.725 -7.253  1.00 16.45 ? 1   DG  A "C3'" 1 
ATOM   6   O  "O3'" . DG  A 1 1 ? 0.273  -12.326 -6.603  1.00 17.65 ? 1   DG  A "O3'" 1 
ATOM   7   C  "C2'" . DG  A 1 1 ? -0.533 -11.185 -8.638  1.00 15.90 ? 1   DG  A "C2'" 1 
ATOM   8   C  "C1'" . DG  A 1 1 ? -1.908 -11.116 -9.276  1.00 14.66 ? 1   DG  A "C1'" 1 
ATOM   9   N  N9    . DG  A 1 1 ? -2.720 -9.914  -9.014  1.00 14.19 ? 1   DG  A N9    1 
ATOM   10  C  C8    . DG  A 1 1 ? -3.769 -9.834  -8.121  1.00 14.37 ? 1   DG  A C8    1 
ATOM   11  N  N7    . DG  A 1 1 ? -4.227 -8.544  -8.091  1.00 14.55 ? 1   DG  A N7    1 
ATOM   12  C  C5    . DG  A 1 1 ? -3.448 -7.837  -8.994  1.00 13.59 ? 1   DG  A C5    1 
ATOM   13  C  C6    . DG  A 1 1 ? -3.483 -6.478  -9.397  1.00 14.02 ? 1   DG  A C6    1 
ATOM   14  O  O6    . DG  A 1 1 ? -4.317 -5.641  -9.039  1.00 14.94 ? 1   DG  A O6    1 
ATOM   15  N  N1    . DG  A 1 1 ? -2.497 -6.186  -10.322 1.00 14.11 ? 1   DG  A N1    1 
ATOM   16  C  C2    . DG  A 1 1 ? -1.614 -7.046  -10.788 1.00 15.12 ? 1   DG  A C2    1 
ATOM   17  N  N2    . DG  A 1 1 ? -0.724 -6.547  -11.665 1.00 17.00 ? 1   DG  A N2    1 
ATOM   18  N  N3    . DG  A 1 1 ? -1.536 -8.361  -10.455 1.00 15.39 ? 1   DG  A N3    1 
ATOM   19  C  C4    . DG  A 1 1 ? -2.480 -8.663  -9.543  1.00 13.98 ? 1   DG  A C4    1 
HETATM 20  P  P     . 2ST A 1 2 ? 1.053  -11.551 -5.447  1.00 18.56 ? 2   2ST A P     1 
HETATM 21  O  OP1   . 2ST A 1 2 ? 2.104  -12.585 -4.933  1.00 20.02 ? 2   2ST A OP1   1 
HETATM 22  O  OP2   . 2ST A 1 2 ? 0.061  -10.911 -4.515  1.00 19.55 ? 2   2ST A OP2   1 
HETATM 23  O  "O5'" . 2ST A 1 2 ? 1.818  -10.317 -6.246  1.00 17.54 ? 2   2ST A "O5'" 1 
HETATM 24  N  N1    . 2ST A 1 2 ? 1.007  -6.922  -7.986  1.00 13.91 ? 2   2ST A N1    1 
HETATM 25  C  C6    . 2ST A 1 2 ? 0.295  -7.667  -7.132  1.00 16.57 ? 2   2ST A C6    1 
HETATM 26  C  C2    . 2ST A 1 2 ? 0.658  -5.625  -8.342  1.00 14.34 ? 2   2ST A C2    1 
HETATM 27  O  O2    . 2ST A 1 2 ? 1.414  -4.954  -9.082  1.00 16.14 ? 2   2ST A O2    1 
HETATM 28  N  N3    . 2ST A 1 2 ? -0.423 -5.123  -7.769  1.00 14.52 ? 2   2ST A N3    1 
HETATM 29  C  C4    . 2ST A 1 2 ? -1.225 -5.814  -6.917  1.00 13.84 ? 2   2ST A C4    1 
HETATM 30  O  O4    . 2ST A 1 2 ? -2.232 -5.249  -6.499  1.00 14.86 ? 2   2ST A O4    1 
HETATM 31  C  C5    . 2ST A 1 2 ? -0.833 -7.185  -6.550  1.00 16.07 ? 2   2ST A C5    1 
HETATM 32  C  C5A   . 2ST A 1 2 ? -1.683 -7.929  -5.578  1.00 17.05 ? 2   2ST A C5A   1 
HETATM 33  C  "C2'" . 2ST A 1 2 ? 3.543  -7.036  -7.940  1.00 16.96 ? 2   2ST A "C2'" 1 
HETATM 34  C  "C5'" . 2ST A 1 2 ? 2.841  -10.636 -7.121  1.00 18.99 ? 2   2ST A "C5'" 1 
HETATM 35  C  "C4'" . 2ST A 1 2 ? 3.320  -9.397  -7.861  1.00 18.04 ? 2   2ST A "C4'" 1 
HETATM 36  O  "O4'" . 2ST A 1 2 ? 2.188  -8.886  -8.605  1.00 16.61 ? 2   2ST A "O4'" 1 
HETATM 37  C  "C1'" . 2ST A 1 2 ? 2.223  -7.449  -8.642  1.00 15.91 ? 2   2ST A "C1'" 1 
HETATM 38  C  "C3'" . 2ST A 1 2 ? 3.649  -8.230  -6.997  1.00 17.41 ? 2   2ST A "C3'" 1 
HETATM 39  SE SE    . 2ST A 1 2 ? 5.105  -6.968  -9.178  0.80 22.72 ? 2   2ST A SE    1 
HETATM 40  C  "CA'" . 2ST A 1 2 ? 4.562  -5.231  -9.996  0.80 19.28 ? 2   2ST A "CA'" 1 
HETATM 41  O  "O3'" . 2ST A 1 2 ? 5.010  -8.403  -6.459  1.00 22.36 ? 2   2ST A "O3'" 1 
ATOM   42  P  P     . DG  A 1 3 ? 5.492  -7.830  -5.017  1.00 28.37 ? 3   DG  A P     1 
ATOM   43  O  OP1   . DG  A 1 3 ? 6.854  -8.187  -4.642  1.00 36.95 ? 3   DG  A OP1   1 
ATOM   44  O  OP2   . DG  A 1 3 ? 4.503  -8.044  -4.032  1.00 31.36 ? 3   DG  A OP2   1 
ATOM   45  O  "O5'" . DG  A 1 3 ? 5.259  -6.193  -5.054  1.00 29.59 ? 3   DG  A "O5'" 1 
ATOM   46  C  "C5'" . DG  A 1 3 ? 6.147  -5.420  -5.582  1.00 28.55 ? 3   DG  A "C5'" 1 
ATOM   47  C  "C4'" . DG  A 1 3 ? 5.573  -4.048  -5.913  1.00 23.83 ? 3   DG  A "C4'" 1 
ATOM   48  O  "O4'" . DG  A 1 3 ? 4.338  -4.151  -6.723  1.00 19.59 ? 3   DG  A "O4'" 1 
ATOM   49  C  "C3'" . DG  A 1 3 ? 5.167  -3.027  -4.849  1.00 20.03 ? 3   DG  A "C3'" 1 
ATOM   50  O  "O3'" . DG  A 1 3 ? 6.424  -2.459  -4.189  1.00 19.30 ? 3   DG  A "O3'" 1 
ATOM   51  C  "C2'" . DG  A 1 3 ? 4.480  -2.010  -5.775  1.00 17.86 ? 3   DG  A "C2'" 1 
ATOM   52  C  "C1'" . DG  A 1 3 ? 3.608  -2.925  -6.648  1.00 19.26 ? 3   DG  A "C1'" 1 
ATOM   53  N  N9    . DG  A 1 3 ? 2.349  -3.175  -5.967  1.00 17.78 ? 3   DG  A N9    1 
ATOM   54  C  C8    . DG  A 1 3 ? 1.900  -4.257  -5.256  1.00 16.82 ? 3   DG  A C8    1 
ATOM   55  N  N7    . DG  A 1 3 ? 0.665  -4.108  -4.815  1.00 17.70 ? 3   DG  A N7    1 
ATOM   56  C  C5    . DG  A 1 3 ? 0.304  -2.789  -5.222  1.00 14.59 ? 3   DG  A C5    1 
ATOM   57  C  C6    . DG  A 1 3 ? -0.918 -2.057  -5.051  1.00 12.95 ? 3   DG  A C6    1 
ATOM   58  O  O6    . DG  A 1 3 ? -1.878 -2.419  -4.429  1.00 15.11 ? 3   DG  A O6    1 
ATOM   59  N  N1    . DG  A 1 3 ? -0.832 -0.792  -5.650  1.00 14.10 ? 3   DG  A N1    1 
ATOM   60  C  C2    . DG  A 1 3 ? 0.214  -0.319  -6.311  1.00 13.39 ? 3   DG  A C2    1 
ATOM   61  N  N2    . DG  A 1 3 ? 0.077  0.935   -6.847  1.00 15.25 ? 3   DG  A N2    1 
ATOM   62  N  N3    . DG  A 1 3 ? 1.338  -1.013  -6.509  1.00 15.07 ? 3   DG  A N3    1 
ATOM   63  C  C4    . DG  A 1 3 ? 1.282  -2.249  -5.949  1.00 15.46 ? 3   DG  A C4    1 
ATOM   64  P  P     . DG  A 1 4 ? 6.313  -1.782  -2.781  1.00 19.82 ? 4   DG  A P     1 
ATOM   65  O  OP1   . DG  A 1 4 ? 7.767  -1.452  -2.442  1.00 22.33 ? 4   DG  A OP1   1 
ATOM   66  O  OP2   . DG  A 1 4 ? 5.475  -2.510  -1.858  1.00 22.01 ? 4   DG  A OP2   1 
ATOM   67  O  "O5'" . DG  A 1 4 ? 5.498  -0.397  -3.103  1.00 19.09 ? 4   DG  A "O5'" 1 
ATOM   68  C  "C5'" . DG  A 1 4 ? 6.039  0.541   -3.919  1.00 18.52 ? 4   DG  A "C5'" 1 
ATOM   69  C  "C4'" . DG  A 1 4 ? 5.078  1.739   -4.169  1.00 19.72 ? 4   DG  A "C4'" 1 
ATOM   70  O  "O4'" . DG  A 1 4 ? 3.826  1.189   -4.777  1.00 17.10 ? 4   DG  A "O4'" 1 
ATOM   71  C  "C3'" . DG  A 1 4 ? 4.547  2.330   -2.930  1.00 18.86 ? 4   DG  A "C3'" 1 
ATOM   72  O  "O3'" . DG  A 1 4 ? 5.506  3.355   -2.610  1.00 20.17 ? 4   DG  A "O3'" 1 
ATOM   73  C  "C2'" . DG  A 1 4 ? 3.264  3.036   -3.354  1.00 18.46 ? 4   DG  A "C2'" 1 
ATOM   74  C  "C1'" . DG  A 1 4 ? 2.684  1.962   -4.264  1.00 16.17 ? 4   DG  A "C1'" 1 
ATOM   75  N  N9    . DG  A 1 4 ? 1.863  1.004   -3.546  1.00 15.13 ? 4   DG  A N9    1 
ATOM   76  C  C8    . DG  A 1 4 ? 2.195  -0.216  -3.059  1.00 15.53 ? 4   DG  A C8    1 
ATOM   77  N  N7    . DG  A 1 4 ? 1.255  -0.875  -2.436  1.00 15.06 ? 4   DG  A N7    1 
ATOM   78  C  C5    . DG  A 1 4 ? 0.185  0.031   -2.494  1.00 15.12 ? 4   DG  A C5    1 
ATOM   79  C  C6    . DG  A 1 4 ? -1.187 -0.085  -2.047  1.00 14.69 ? 4   DG  A C6    1 
ATOM   80  O  O6    . DG  A 1 4 ? -1.735 -1.030  -1.506  1.00 15.65 ? 4   DG  A O6    1 
ATOM   81  N  N1    . DG  A 1 4 ? -1.899 1.054   -2.376  1.00 14.13 ? 4   DG  A N1    1 
ATOM   82  C  C2    . DG  A 1 4 ? -1.403 2.168   -2.987  1.00 12.61 ? 4   DG  A C2    1 
ATOM   83  N  N2    . DG  A 1 4 ? -2.207 3.197   -3.196  1.00 13.71 ? 4   DG  A N2    1 
ATOM   84  N  N3    . DG  A 1 4 ? -0.147 2.252   -3.462  1.00 14.33 ? 4   DG  A N3    1 
ATOM   85  C  C4    . DG  A 1 4 ? 0.548  1.149   -3.205  1.00 13.89 ? 4   DG  A C4    1 
ATOM   86  P  P     . DC  A 1 5 ? 6.031  3.657   -1.169  1.00 22.76 ? 5   DC  A P     1 
ATOM   87  O  OP1   . DC  A 1 5 ? 7.370  4.320   -1.403  1.00 28.93 ? 5   DC  A OP1   1 
ATOM   88  O  OP2   . DC  A 1 5 ? 5.698  2.735   -0.285  1.00 20.83 ? 5   DC  A OP2   1 
ATOM   89  O  "O5'" . DC  A 1 5 ? 5.245  5.047   -0.951  1.00 26.52 ? 5   DC  A "O5'" 1 
ATOM   90  C  "C5'" . DC  A 1 5 ? 4.544  5.334   0.076   1.00 19.56 ? 5   DC  A "C5'" 1 
ATOM   91  C  "C4'" . DC  A 1 5 ? 3.306  6.083   -0.357  1.00 18.70 ? 5   DC  A "C4'" 1 
ATOM   92  O  "O4'" . DC  A 1 5 ? 2.494  5.243   -1.228  1.00 17.32 ? 5   DC  A "O4'" 1 
ATOM   93  C  "C3'" . DC  A 1 5 ? 2.466  6.330   0.859   1.00 16.34 ? 5   DC  A "C3'" 1 
ATOM   94  O  "O3'" . DC  A 1 5 ? 2.806  7.640   1.455   1.00 17.38 ? 5   DC  A "O3'" 1 
ATOM   95  C  "C2'" . DC  A 1 5 ? 1.053  6.267   0.347   1.00 15.96 ? 5   DC  A "C2'" 1 
ATOM   96  C  "C1'" . DC  A 1 5 ? 1.141  5.160   -0.710  1.00 16.54 ? 5   DC  A "C1'" 1 
ATOM   97  N  N1    . DC  A 1 5 ? 0.856  3.820   -0.177  1.00 15.10 ? 5   DC  A N1    1 
ATOM   98  C  C2    . DC  A 1 5 ? -0.467 3.454   0.109   1.00 13.12 ? 5   DC  A C2    1 
ATOM   99  O  O2    . DC  A 1 5 ? -1.298 4.280   -0.039  1.00 14.49 ? 5   DC  A O2    1 
ATOM   100 N  N3    . DC  A 1 5 ? -0.730 2.240   0.559   1.00 13.72 ? 5   DC  A N3    1 
ATOM   101 C  C4    . DC  A 1 5 ? 0.212  1.341   0.701   1.00 12.84 ? 5   DC  A C4    1 
ATOM   102 N  N4    . DC  A 1 5 ? -0.118 0.144   1.120   1.00 15.20 ? 5   DC  A N4    1 
ATOM   103 C  C5    . DC  A 1 5 ? 1.604  1.644   0.433   1.00 14.78 ? 5   DC  A C5    1 
ATOM   104 C  C6    . DC  A 1 5 ? 1.868  2.881   0.014   1.00 15.30 ? 5   DC  A C6    1 
ATOM   105 P  P     . DC  A 1 6 ? 2.783  7.903   2.952   1.00 17.91 ? 6   DC  A P     1 
ATOM   106 O  OP1   . DC  A 1 6 ? 3.252  9.305   3.135   1.00 21.37 ? 6   DC  A OP1   1 
ATOM   107 O  OP2   . DC  A 1 6 ? 3.424  6.886   3.589   1.00 17.71 ? 6   DC  A OP2   1 
ATOM   108 O  "O5'" . DC  A 1 6 ? 1.198  7.880   3.333   1.00 16.54 ? 6   DC  A "O5'" 1 
ATOM   109 C  "C5'" . DC  A 1 6 ? 0.430  8.900   2.947   1.00 15.59 ? 6   DC  A "C5'" 1 
ATOM   110 C  "C4'" . DC  A 1 6 ? -0.977 8.537   3.379   1.00 15.58 ? 6   DC  A "C4'" 1 
ATOM   111 O  "O4'" . DC  A 1 6 ? -1.518 7.378   2.673   1.00 16.11 ? 6   DC  A "O4'" 1 
ATOM   112 C  "C3'" . DC  A 1 6 ? -1.184 8.145   4.828   1.00 15.35 ? 6   DC  A "C3'" 1 
ATOM   113 O  "O3'" . DC  A 1 6 ? -1.260 9.325   5.634   1.00 17.46 ? 6   DC  A "O3'" 1 
ATOM   114 C  "C2'" . DC  A 1 6 ? -2.581 7.475   4.801   1.00 15.75 ? 6   DC  A "C2'" 1 
ATOM   115 C  "C1'" . DC  A 1 6 ? -2.440 6.629   3.507   1.00 14.96 ? 6   DC  A "C1'" 1 
ATOM   116 N  N1    . DC  A 1 6 ? -1.851 5.293   3.719   1.00 12.35 ? 6   DC  A N1    1 
ATOM   117 C  C2    . DC  A 1 6 ? -2.733 4.287   4.112   1.00 13.68 ? 6   DC  A C2    1 
ATOM   118 O  O2    . DC  A 1 6 ? -3.889 4.610   4.373   1.00 14.74 ? 6   DC  A O2    1 
ATOM   119 N  N3    . DC  A 1 6 ? -2.286 3.034   4.217   1.00 12.39 ? 6   DC  A N3    1 
ATOM   120 C  C4    . DC  A 1 6 ? -1.006 2.737   3.976   1.00 13.75 ? 6   DC  A C4    1 
ATOM   121 N  N4    . DC  A 1 6 ? -0.599 1.483   4.081   1.00 15.62 ? 6   DC  A N4    1 
ATOM   122 C  C5    . DC  A 1 6 ? -0.091 3.799   3.587   1.00 13.97 ? 6   DC  A C5    1 
ATOM   123 C  C6    . DC  A 1 6 ? -0.548 5.024   3.470   1.00 13.16 ? 6   DC  A C6    1 
ATOM   124 P  P     . DA  A 1 7 ? -0.825 9.249   7.181   1.00 17.15 ? 7   DA  A P     1 
ATOM   125 O  OP1   . DA  A 1 7 ? -0.705 10.701  7.622   1.00 19.50 ? 7   DA  A OP1   1 
ATOM   126 O  OP2   . DA  A 1 7 ? 0.273  8.349   7.383   1.00 16.95 ? 7   DA  A OP2   1 
ATOM   127 O  "O5'" . DA  A 1 7 ? -2.074 8.539   7.844   1.00 15.18 ? 7   DA  A "O5'" 1 
ATOM   128 C  "C5'" . DA  A 1 7 ? -3.353 9.189   7.819   1.00 16.24 ? 7   DA  A "C5'" 1 
ATOM   129 C  "C4'" . DA  A 1 7 ? -4.378 8.222   8.458   1.00 15.95 ? 7   DA  A "C4'" 1 
ATOM   130 O  "O4'" . DA  A 1 7 ? -4.510 7.022   7.648   1.00 14.91 ? 7   DA  A "O4'" 1 
ATOM   131 C  "C3'" . DA  A 1 7 ? -3.987 7.655   9.836   1.00 15.17 ? 7   DA  A "C3'" 1 
ATOM   132 O  "O3'" . DA  A 1 7 ? -4.386 8.658   10.846  1.00 17.18 ? 7   DA  A "O3'" 1 
ATOM   133 C  "C2'" . DA  A 1 7 ? -4.774 6.400   9.958   1.00 14.11 ? 7   DA  A "C2'" 1 
ATOM   134 C  "C1'" . DA  A 1 7 ? -4.656 5.877   8.504   1.00 14.12 ? 7   DA  A "C1'" 1 
ATOM   135 N  N9    . DA  A 1 7 ? -3.575 4.960   8.206   1.00 13.02 ? 7   DA  A N9    1 
ATOM   136 C  C8    . DA  A 1 7 ? -2.372 5.176   7.669   1.00 13.11 ? 7   DA  A C8    1 
ATOM   137 N  N7    . DA  A 1 7 ? -1.658 4.097   7.456   1.00 12.12 ? 7   DA  A N7    1 
ATOM   138 C  C5    . DA  A 1 7 ? -2.511 3.071   7.886   1.00 12.68 ? 7   DA  A C5    1 
ATOM   139 C  C6    . DA  A 1 7 ? -2.369 1.653   7.927   1.00 13.17 ? 7   DA  A C6    1 
ATOM   140 N  N6    . DA  A 1 7 ? -1.262 1.028   7.454   1.00 13.03 ? 7   DA  A N6    1 
ATOM   141 N  N1    . DA  A 1 7 ? -3.407 0.981   8.434   1.00 13.87 ? 7   DA  A N1    1 
ATOM   142 C  C2    . DA  A 1 7 ? -4.478 1.627   8.889   1.00 12.30 ? 7   DA  A C2    1 
ATOM   143 N  N3    . DA  A 1 7 ? -4.699 2.901   8.863   1.00 12.92 ? 7   DA  A N3    1 
ATOM   144 C  C4    . DA  A 1 7 ? -3.712 3.604   8.309   1.00 12.38 ? 7   DA  A C4    1 
ATOM   145 P  P     . DC  A 1 8 ? -3.634 8.724   12.244  1.00 18.01 ? 8   DC  A P     1 
ATOM   146 O  OP1   . DC  A 1 8 ? -4.322 9.869   12.951  1.00 18.30 ? 8   DC  A OP1   1 
ATOM   147 O  OP2   . DC  A 1 8 ? -2.170 8.767   12.049  1.00 22.28 ? 8   DC  A OP2   1 
ATOM   148 O  "O5'" . DC  A 1 8 ? -3.885 7.439   12.979  1.00 16.81 ? 8   DC  A "O5'" 1 
ATOM   149 C  "C5'" . DC  A 1 8 ? -5.199 7.158   13.353  1.00 16.49 ? 8   DC  A "C5'" 1 
ATOM   150 C  "C4'" . DC  A 1 8 ? -5.399 5.798   14.059  1.00 17.71 ? 8   DC  A "C4'" 1 
ATOM   151 O  "O4'" . DC  A 1 8 ? -5.002 4.765   13.076  1.00 18.13 ? 8   DC  A "O4'" 1 
ATOM   152 C  "C3'" . DC  A 1 8 ? -4.438 5.721   15.271  1.00 19.39 ? 8   DC  A "C3'" 1 
ATOM   153 O  "O3'" . DC  A 1 8 ? -5.180 5.061   16.201  1.00 24.39 ? 8   DC  A "O3'" 1 
ATOM   154 C  "C2'" . DC  A 1 8 ? -3.289 4.816   14.759  1.00 20.62 ? 8   DC  A "C2'" 1 
ATOM   155 C  "C1'" . DC  A 1 8 ? -3.937 3.944   13.649  1.00 16.97 ? 8   DC  A "C1'" 1 
ATOM   156 N  N1    . DC  A 1 8 ? -2.891 3.613   12.621  1.00 13.86 ? 8   DC  A N1    1 
ATOM   157 C  C2    . DC  A 1 8 ? -2.874 2.200   12.279  1.00 14.04 ? 8   DC  A C2    1 
ATOM   158 O  O2    . DC  A 1 8 ? -3.642 1.315   12.750  1.00 17.10 ? 8   DC  A O2    1 
ATOM   159 N  N3    . DC  A 1 8 ? -1.821 1.887   11.455  1.00 12.40 ? 8   DC  A N3    1 
ATOM   160 C  C4    . DC  A 1 8 ? -1.067 2.754   10.978  1.00 3.99  ? 8   DC  A C4    1 
ATOM   161 N  N4    . DC  A 1 8 ? -0.122 2.308   10.239  1.00 13.44 ? 8   DC  A N4    1 
ATOM   162 C  C5    . DC  A 1 8 ? -1.299 4.068   11.222  1.00 10.66 ? 8   DC  A C5    1 
ATOM   163 C  C6    . DC  A 1 8 ? -2.077 4.540   12.135  1.00 5.25  ? 8   DC  A C6    1 
HETATM 164 PT PT    . PT  B 2 . ? -5.875 -7.886  -6.443  0.25 32.01 ? 101 PT  A PT    1 
HETATM 165 PT PT    . PT  C 2 . ? 1.466  -2.810  -1.228  0.25 31.85 ? 102 PT  A PT    1 
HETATM 166 O  O     . HOH D 3 . ? -0.428 -5.504  -2.849  1.00 28.29 ? 201 HOH A O     1 
HETATM 167 O  O     . HOH D 3 . ? -2.381 -11.533 -3.734  1.00 23.76 ? 202 HOH A O     1 
HETATM 168 O  O     . HOH D 3 . ? 1.219  -14.916 -3.778  1.00 24.95 ? 203 HOH A O     1 
HETATM 169 O  O     . HOH D 3 . ? -2.386 6.653   -0.975  1.00 17.14 ? 204 HOH A O     1 
HETATM 170 O  O     . HOH D 3 . ? -6.950 10.162  12.894  1.00 20.39 ? 205 HOH A O     1 
HETATM 171 O  O     . HOH D 3 . ? -1.723 9.226   -0.376  1.00 21.84 ? 206 HOH A O     1 
HETATM 172 O  O     . HOH D 3 . ? 0.892  -8.699  -3.011  1.00 33.82 ? 207 HOH A O     1 
HETATM 173 O  O     . HOH D 3 . ? 2.147  11.485  1.084   1.00 30.78 ? 208 HOH A O     1 
HETATM 174 O  O     . HOH D 3 . ? -6.717 3.741   10.870  1.00 20.75 ? 209 HOH A O     1 
HETATM 175 O  O     . HOH D 3 . ? 1.710  -3.700  -11.516 1.00 24.93 ? 210 HOH A O     1 
HETATM 176 O  O     . HOH D 3 . ? 3.331  0.309   -7.903  1.00 25.02 ? 211 HOH A O     1 
HETATM 177 O  O     . HOH D 3 . ? -3.328 10.318  1.507   1.00 25.56 ? 212 HOH A O     1 
HETATM 178 O  O     . HOH D 3 . ? -3.452 1.160   16.319  1.00 27.25 ? 213 HOH A O     1 
HETATM 179 O  O     . HOH D 3 . ? 2.219  0.807   3.921   1.00 25.57 ? 214 HOH A O     1 
HETATM 180 O  O     . HOH D 3 . ? 1.049  3.838   6.889   1.00 24.56 ? 215 HOH A O     1 
HETATM 181 O  O     . HOH D 3 . ? 1.603  1.621   6.660   1.00 29.85 ? 216 HOH A O     1 
HETATM 182 O  O     . HOH D 3 . ? 0.573  6.736   9.563   1.00 26.13 ? 217 HOH A O     1 
HETATM 183 O  O     . HOH D 3 . ? -0.031 7.486   11.826  1.00 25.85 ? 218 HOH A O     1 
HETATM 184 O  O     . HOH D 3 . ? -2.992 -15.214 -3.313  1.00 35.55 ? 219 HOH A O     1 
HETATM 185 O  O     . HOH D 3 . ? 2.886  -6.884  -12.718 1.00 32.59 ? 220 HOH A O     1 
HETATM 186 O  O     . HOH D 3 . ? 5.167  9.455   -0.903  1.00 36.06 ? 221 HOH A O     1 
# 
loop_
_pdbx_poly_seq_scheme.asym_id 
_pdbx_poly_seq_scheme.entity_id 
_pdbx_poly_seq_scheme.seq_id 
_pdbx_poly_seq_scheme.mon_id 
_pdbx_poly_seq_scheme.ndb_seq_num 
_pdbx_poly_seq_scheme.pdb_seq_num 
_pdbx_poly_seq_scheme.auth_seq_num 
_pdbx_poly_seq_scheme.pdb_mon_id 
_pdbx_poly_seq_scheme.auth_mon_id 
_pdbx_poly_seq_scheme.pdb_strand_id 
_pdbx_poly_seq_scheme.pdb_ins_code 
_pdbx_poly_seq_scheme.hetero 
A 1 1 DG  1 1 1 DG  DG  A . n 
A 1 2 2ST 2 2 2 2ST 2ST A . n 
A 1 3 DG  3 3 3 DG  DG  A . n 
A 1 4 DG  4 4 4 DG  DG  A . n 
A 1 5 DC  5 5 5 DC  DC  A . n 
A 1 6 DC  6 6 6 DC  DC  A . n 
A 1 7 DA  7 7 7 DA  DA  A . n 
A 1 8 DC  8 8 8 DC  DC  A . n 
# 
loop_
_pdbx_nonpoly_scheme.asym_id 
_pdbx_nonpoly_scheme.entity_id 
_pdbx_nonpoly_scheme.mon_id 
_pdbx_nonpoly_scheme.ndb_seq_num 
_pdbx_nonpoly_scheme.pdb_seq_num 
_pdbx_nonpoly_scheme.auth_seq_num 
_pdbx_nonpoly_scheme.pdb_mon_id 
_pdbx_nonpoly_scheme.auth_mon_id 
_pdbx_nonpoly_scheme.pdb_strand_id 
_pdbx_nonpoly_scheme.pdb_ins_code 
B 2 PT  1  101 1  PT  PT  A . 
C 2 PT  1  102 2  PT  PT  A . 
D 3 HOH 1  201 1  HOH HOH A . 
D 3 HOH 2  202 3  HOH HOH A . 
D 3 HOH 3  203 4  HOH HOH A . 
D 3 HOH 4  204 5  HOH HOH A . 
D 3 HOH 5  205 6  HOH HOH A . 
D 3 HOH 6  206 7  HOH HOH A . 
D 3 HOH 7  207 8  HOH HOH A . 
D 3 HOH 8  208 9  HOH HOH A . 
D 3 HOH 9  209 10 HOH HOH A . 
D 3 HOH 10 210 13 HOH HOH A . 
D 3 HOH 11 211 14 HOH HOH A . 
D 3 HOH 12 212 18 HOH HOH A . 
D 3 HOH 13 213 32 HOH HOH A . 
D 3 HOH 14 214 35 HOH HOH A . 
D 3 HOH 15 215 42 HOH HOH A . 
D 3 HOH 16 216 43 HOH HOH A . 
D 3 HOH 17 217 45 HOH HOH A . 
D 3 HOH 18 218 46 HOH HOH A . 
D 3 HOH 19 219 49 HOH HOH A . 
D 3 HOH 20 220 71 HOH HOH A . 
D 3 HOH 21 221 73 HOH HOH A . 
# 
_pdbx_struct_mod_residue.id               1 
_pdbx_struct_mod_residue.label_asym_id    A 
_pdbx_struct_mod_residue.label_comp_id    2ST 
_pdbx_struct_mod_residue.label_seq_id     2 
_pdbx_struct_mod_residue.auth_asym_id     A 
_pdbx_struct_mod_residue.auth_comp_id     2ST 
_pdbx_struct_mod_residue.auth_seq_id      2 
_pdbx_struct_mod_residue.PDB_ins_code     ? 
_pdbx_struct_mod_residue.parent_comp_id   DT 
_pdbx_struct_mod_residue.details          ? 
# 
_pdbx_struct_assembly.id                   1 
_pdbx_struct_assembly.details              author_and_software_defined_assembly 
_pdbx_struct_assembly.method_details       PISA 
_pdbx_struct_assembly.oligomeric_details   dimeric 
_pdbx_struct_assembly.oligomeric_count     2 
# 
_pdbx_struct_assembly_gen.assembly_id       1 
_pdbx_struct_assembly_gen.oper_expression   1,2 
_pdbx_struct_assembly_gen.asym_id_list      A,B,C,D 
# 
loop_
_pdbx_struct_assembly_prop.biol_id 
_pdbx_struct_assembly_prop.type 
_pdbx_struct_assembly_prop.value 
_pdbx_struct_assembly_prop.details 
1 'ABSA (A^2)' 2450 ? 
1 MORE         -61  ? 
1 'SSA (A^2)'  2880 ? 
# 
loop_
_pdbx_struct_oper_list.id 
_pdbx_struct_oper_list.type 
_pdbx_struct_oper_list.name 
_pdbx_struct_oper_list.symmetry_operation 
_pdbx_struct_oper_list.matrix[1][1] 
_pdbx_struct_oper_list.matrix[1][2] 
_pdbx_struct_oper_list.matrix[1][3] 
_pdbx_struct_oper_list.vector[1] 
_pdbx_struct_oper_list.matrix[2][1] 
_pdbx_struct_oper_list.matrix[2][2] 
_pdbx_struct_oper_list.matrix[2][3] 
_pdbx_struct_oper_list.vector[2] 
_pdbx_struct_oper_list.matrix[3][1] 
_pdbx_struct_oper_list.matrix[3][2] 
_pdbx_struct_oper_list.matrix[3][3] 
_pdbx_struct_oper_list.vector[3] 
1 'identity operation'         1_555 x,y,z        1.0000000000  0.0000000000  0.0000000000 0.0000000000  0.0000000000  1.0000000000 0.0000000000  0.0000000000  0.0000000000 0.0000000000  1.0000000000  0.0000000000  
2 'crystal symmetry operation' 8_554 -y,-x,-z-1/2 -0.9454313542 -0.3178751687 0.0715187497 -4.7586689679 -0.3178751687 0.8516974622 -0.4166135020 -0.8722349625 0.0715187497 -0.4166135020 -0.9062661079 -0.2459175352 
# 
loop_
_pdbx_audit_revision_history.ordinal 
_pdbx_audit_revision_history.data_content_type 
_pdbx_audit_revision_history.major_revision 
_pdbx_audit_revision_history.minor_revision 
_pdbx_audit_revision_history.revision_date 
1 'Structure model' 1 0 2012-12-05 
2 'Structure model' 1 1 2023-09-20 
# 
_pdbx_audit_revision_details.ordinal             1 
_pdbx_audit_revision_details.revision_ordinal    1 
_pdbx_audit_revision_details.data_content_type   'Structure model' 
_pdbx_audit_revision_details.provider            repository 
_pdbx_audit_revision_details.type                'Initial release' 
_pdbx_audit_revision_details.description         ? 
_pdbx_audit_revision_details.details             ? 
# 
loop_
_pdbx_audit_revision_group.ordinal 
_pdbx_audit_revision_group.revision_ordinal 
_pdbx_audit_revision_group.data_content_type 
_pdbx_audit_revision_group.group 
1 2 'Structure model' 'Data collection'        
2 2 'Structure model' 'Database references'    
3 2 'Structure model' 'Derived calculations'   
4 2 'Structure model' 'Refinement description' 
# 
loop_
_pdbx_audit_revision_category.ordinal 
_pdbx_audit_revision_category.revision_ordinal 
_pdbx_audit_revision_category.data_content_type 
_pdbx_audit_revision_category.category 
1 2 'Structure model' chem_comp_atom                
2 2 'Structure model' chem_comp_bond                
3 2 'Structure model' database_2                    
4 2 'Structure model' pdbx_initial_refinement_model 
5 2 'Structure model' struct_conn                   
6 2 'Structure model' struct_site                   
# 
loop_
_pdbx_audit_revision_item.ordinal 
_pdbx_audit_revision_item.revision_ordinal 
_pdbx_audit_revision_item.data_content_type 
_pdbx_audit_revision_item.item 
1  2 'Structure model' '_database_2.pdbx_DOI'                
2  2 'Structure model' '_database_2.pdbx_database_accession' 
3  2 'Structure model' '_struct_conn.pdbx_dist_value'        
4  2 'Structure model' '_struct_conn.pdbx_leaving_atom_flag' 
5  2 'Structure model' '_struct_conn.ptnr1_auth_seq_id'      
6  2 'Structure model' '_struct_conn.ptnr1_label_seq_id'     
7  2 'Structure model' '_struct_conn.ptnr2_auth_seq_id'      
8  2 'Structure model' '_struct_conn.ptnr2_label_asym_id'    
9  2 'Structure model' '_struct_site.pdbx_auth_asym_id'      
10 2 'Structure model' '_struct_site.pdbx_auth_comp_id'      
11 2 'Structure model' '_struct_site.pdbx_auth_seq_id'       
# 
loop_
_software.name 
_software.classification 
_software.version 
_software.citation_id 
_software.pdbx_ordinal 
HKL-2000 'data collection' .        ? 1 
PHASES   phasing           .        ? 2 
REFMAC   refinement        5.5.0110 ? 3 
HKL-2000 'data reduction'  .        ? 4 
HKL-2000 'data scaling'    .        ? 5 
# 
loop_
_pdbx_validate_rmsd_bond.id 
_pdbx_validate_rmsd_bond.PDB_model_num 
_pdbx_validate_rmsd_bond.auth_atom_id_1 
_pdbx_validate_rmsd_bond.auth_asym_id_1 
_pdbx_validate_rmsd_bond.auth_comp_id_1 
_pdbx_validate_rmsd_bond.auth_seq_id_1 
_pdbx_validate_rmsd_bond.PDB_ins_code_1 
_pdbx_validate_rmsd_bond.label_alt_id_1 
_pdbx_validate_rmsd_bond.auth_atom_id_2 
_pdbx_validate_rmsd_bond.auth_asym_id_2 
_pdbx_validate_rmsd_bond.auth_comp_id_2 
_pdbx_validate_rmsd_bond.auth_seq_id_2 
_pdbx_validate_rmsd_bond.PDB_ins_code_2 
_pdbx_validate_rmsd_bond.label_alt_id_2 
_pdbx_validate_rmsd_bond.bond_value 
_pdbx_validate_rmsd_bond.bond_target_value 
_pdbx_validate_rmsd_bond.bond_deviation 
_pdbx_validate_rmsd_bond.bond_standard_deviation 
_pdbx_validate_rmsd_bond.linker_flag 
1  1 N1    A DG 1 ? ? C2    A DG 1 ? ? 1.318 1.373 -0.055 0.008 N 
2  1 N7    A DG 1 ? ? C8    A DG 1 ? ? 1.369 1.305 0.064  0.006 N 
3  1 P     A DG 3 ? ? "O5'" A DG 3 ? ? 1.654 1.593 0.061  0.010 N 
4  1 "O3'" A DG 3 ? ? "C3'" A DG 3 ? ? 1.530 1.435 0.095  0.013 N 
5  1 N1    A DG 3 ? ? C2    A DG 3 ? ? 1.325 1.373 -0.048 0.008 N 
6  1 C4    A DG 3 ? ? C5    A DG 3 ? ? 1.333 1.379 -0.046 0.007 N 
7  1 C5    A DG 3 ? ? N7    A DG 3 ? ? 1.427 1.388 0.039  0.006 N 
8  1 "C5'" A DG 4 ? ? "C4'" A DG 4 ? ? 1.556 1.512 0.044  0.007 N 
9  1 P     A DC 5 ? ? OP2   A DC 5 ? ? 1.320 1.485 -0.165 0.017 N 
10 1 C2    A DC 5 ? ? O2    A DC 5 ? ? 1.182 1.240 -0.058 0.009 N 
11 1 "O3'" A DC 5 ? ? P     A DC 6 ? ? 1.520 1.607 -0.087 0.012 Y 
12 1 P     A DC 6 ? ? OP2   A DC 6 ? ? 1.360 1.485 -0.125 0.017 N 
13 1 P     A DC 8 ? ? "O5'" A DC 8 ? ? 1.502 1.593 -0.091 0.010 N 
14 1 "O3'" A DC 8 ? ? "C3'" A DC 8 ? ? 1.361 1.419 -0.058 0.006 N 
15 1 C4    A DC 8 ? ? N4    A DC 8 ? ? 1.280 1.335 -0.055 0.009 N 
16 1 N1    A DC 8 ? ? C6    A DC 8 ? ? 1.326 1.367 -0.041 0.006 N 
17 1 N3    A DC 8 ? ? C4    A DC 8 ? ? 1.244 1.335 -0.091 0.007 N 
18 1 C4    A DC 8 ? ? C5    A DC 8 ? ? 1.357 1.425 -0.068 0.008 N 
19 1 C5    A DC 8 ? ? C6    A DC 8 ? ? 1.289 1.339 -0.050 0.008 N 
# 
loop_
_pdbx_validate_rmsd_angle.id 
_pdbx_validate_rmsd_angle.PDB_model_num 
_pdbx_validate_rmsd_angle.auth_atom_id_1 
_pdbx_validate_rmsd_angle.auth_asym_id_1 
_pdbx_validate_rmsd_angle.auth_comp_id_1 
_pdbx_validate_rmsd_angle.auth_seq_id_1 
_pdbx_validate_rmsd_angle.PDB_ins_code_1 
_pdbx_validate_rmsd_angle.label_alt_id_1 
_pdbx_validate_rmsd_angle.auth_atom_id_2 
_pdbx_validate_rmsd_angle.auth_asym_id_2 
_pdbx_validate_rmsd_angle.auth_comp_id_2 
_pdbx_validate_rmsd_angle.auth_seq_id_2 
_pdbx_validate_rmsd_angle.PDB_ins_code_2 
_pdbx_validate_rmsd_angle.label_alt_id_2 
_pdbx_validate_rmsd_angle.auth_atom_id_3 
_pdbx_validate_rmsd_angle.auth_asym_id_3 
_pdbx_validate_rmsd_angle.auth_comp_id_3 
_pdbx_validate_rmsd_angle.auth_seq_id_3 
_pdbx_validate_rmsd_angle.PDB_ins_code_3 
_pdbx_validate_rmsd_angle.label_alt_id_3 
_pdbx_validate_rmsd_angle.angle_value 
_pdbx_validate_rmsd_angle.angle_target_value 
_pdbx_validate_rmsd_angle.angle_deviation 
_pdbx_validate_rmsd_angle.angle_standard_deviation 
_pdbx_validate_rmsd_angle.linker_flag 
1  1 N7    A DG 1 ? ? C8    A DG 1 ? ? N9    A DG 1 ? ? 108.83 113.10 -4.27  0.50 N 
2  1 C8    A DG 1 ? ? N9    A DG 1 ? ? C4    A DG 1 ? ? 109.14 106.40 2.74   0.40 N 
3  1 "O5'" A DG 3 ? ? P     A DG 3 ? ? OP2   A DG 3 ? ? 93.88  105.70 -11.82 0.90 N 
4  1 "O4'" A DG 3 ? ? "C4'" A DG 3 ? ? "C3'" A DG 3 ? ? 101.87 104.50 -2.63  0.40 N 
5  1 "C5'" A DG 3 ? ? "C4'" A DG 3 ? ? "C3'" A DG 3 ? ? 123.35 115.70 7.65   1.20 N 
6  1 "O4'" A DG 4 ? ? "C4'" A DG 4 ? ? "C3'" A DG 4 ? ? 100.79 104.50 -3.71  0.40 N 
7  1 N7    A DG 4 ? ? C8    A DG 4 ? ? N9    A DG 4 ? ? 116.72 113.10 3.62   0.50 N 
8  1 OP1   A DC 5 ? ? P     A DC 5 ? ? OP2   A DC 5 ? ? 129.30 119.60 9.70   1.50 N 
9  1 "O5'" A DC 5 ? ? P     A DC 5 ? ? OP1   A DC 5 ? ? 94.28  105.70 -11.42 0.90 N 
10 1 "O4'" A DC 5 ? ? "C1'" A DC 5 ? ? N1    A DC 5 ? ? 111.25 108.30 2.95   0.30 N 
11 1 "O4'" A DC 6 ? ? "C4'" A DC 6 ? ? "C3'" A DC 6 ? ? 101.93 104.50 -2.57  0.40 N 
12 1 N3    A DC 6 ? ? C4    A DC 6 ? ? C5    A DC 6 ? ? 119.28 121.90 -2.62  0.40 N 
13 1 C2    A DA 7 ? ? N3    A DA 7 ? ? C4    A DA 7 ? ? 113.62 110.60 3.02   0.50 N 
14 1 N1    A DA 7 ? ? C6    A DA 7 ? ? N6    A DA 7 ? ? 122.30 118.60 3.70   0.60 N 
15 1 "O4'" A DC 8 ? ? "C1'" A DC 8 ? ? N1    A DC 8 ? ? 111.25 108.30 2.95   0.30 N 
16 1 C6    A DC 8 ? ? N1    A DC 8 ? ? C2    A DC 8 ? ? 125.91 120.30 5.61   0.40 N 
17 1 N1    A DC 8 ? ? C2    A DC 8 ? ? N3    A DC 8 ? ? 111.81 119.20 -7.39  0.70 N 
18 1 C4    A DC 8 ? ? C5    A DC 8 ? ? C6    A DC 8 ? ? 125.82 117.40 8.42   0.50 N 
19 1 C5    A DC 8 ? ? C6    A DC 8 ? ? N1    A DC 8 ? ? 111.93 121.00 -9.07  0.50 N 
20 1 N1    A DC 8 ? ? C2    A DC 8 ? ? O2    A DC 8 ? ? 125.90 118.90 7.00   0.60 N 
21 1 C5    A DC 8 ? ? C4    A DC 8 ? ? N4    A DC 8 ? ? 124.61 120.20 4.41   0.70 N 
# 
_pdbx_validate_planes.id              1 
_pdbx_validate_planes.PDB_model_num   1 
_pdbx_validate_planes.auth_comp_id    DC 
_pdbx_validate_planes.auth_asym_id    A 
_pdbx_validate_planes.auth_seq_id     8 
_pdbx_validate_planes.PDB_ins_code    ? 
_pdbx_validate_planes.label_alt_id    ? 
_pdbx_validate_planes.rmsd            0.067 
_pdbx_validate_planes.type            'SIDE CHAIN' 
# 
loop_
_chem_comp_atom.comp_id 
_chem_comp_atom.atom_id 
_chem_comp_atom.type_symbol 
_chem_comp_atom.pdbx_aromatic_flag 
_chem_comp_atom.pdbx_stereo_config 
_chem_comp_atom.pdbx_ordinal 
2ST OP3    O  N N 1   
2ST P      P  N N 2   
2ST OP1    O  N N 3   
2ST OP2    O  N N 4   
2ST "O5'"  O  N N 5   
2ST N1     N  N N 6   
2ST C6     C  N N 7   
2ST C2     C  N N 8   
2ST O2     O  N N 9   
2ST N3     N  N N 10  
2ST C4     C  N N 11  
2ST O4     O  N N 12  
2ST C5     C  N N 13  
2ST C5A    C  N N 14  
2ST "C2'"  C  N R 15  
2ST "C5'"  C  N N 16  
2ST "C4'"  C  N R 17  
2ST "O4'"  O  N N 18  
2ST "C1'"  C  N R 19  
2ST "C3'"  C  N R 20  
2ST SE     SE N N 21  
2ST "CA'"  C  N N 22  
2ST "O3'"  O  N N 23  
2ST HOP3   H  N N 24  
2ST HOP2   H  N N 25  
2ST H6     H  N N 26  
2ST HN3    H  N N 27  
2ST H5A1   H  N N 28  
2ST H5A2   H  N N 29  
2ST H5A3   H  N N 30  
2ST "H2'"  H  N N 31  
2ST "H5'"  H  N N 32  
2ST "H5''" H  N N 33  
2ST "H4'"  H  N N 34  
2ST "H1'"  H  N N 35  
2ST "H3'"  H  N N 36  
2ST "HA'1" H  N N 37  
2ST "HA'2" H  N N 38  
2ST "HA'3" H  N N 39  
2ST "HO3'" H  N N 40  
DA  OP3    O  N N 41  
DA  P      P  N N 42  
DA  OP1    O  N N 43  
DA  OP2    O  N N 44  
DA  "O5'"  O  N N 45  
DA  "C5'"  C  N N 46  
DA  "C4'"  C  N R 47  
DA  "O4'"  O  N N 48  
DA  "C3'"  C  N S 49  
DA  "O3'"  O  N N 50  
DA  "C2'"  C  N N 51  
DA  "C1'"  C  N R 52  
DA  N9     N  Y N 53  
DA  C8     C  Y N 54  
DA  N7     N  Y N 55  
DA  C5     C  Y N 56  
DA  C6     C  Y N 57  
DA  N6     N  N N 58  
DA  N1     N  Y N 59  
DA  C2     C  Y N 60  
DA  N3     N  Y N 61  
DA  C4     C  Y N 62  
DA  HOP3   H  N N 63  
DA  HOP2   H  N N 64  
DA  "H5'"  H  N N 65  
DA  "H5''" H  N N 66  
DA  "H4'"  H  N N 67  
DA  "H3'"  H  N N 68  
DA  "HO3'" H  N N 69  
DA  "H2'"  H  N N 70  
DA  "H2''" H  N N 71  
DA  "H1'"  H  N N 72  
DA  H8     H  N N 73  
DA  H61    H  N N 74  
DA  H62    H  N N 75  
DA  H2     H  N N 76  
DC  OP3    O  N N 77  
DC  P      P  N N 78  
DC  OP1    O  N N 79  
DC  OP2    O  N N 80  
DC  "O5'"  O  N N 81  
DC  "C5'"  C  N N 82  
DC  "C4'"  C  N R 83  
DC  "O4'"  O  N N 84  
DC  "C3'"  C  N S 85  
DC  "O3'"  O  N N 86  
DC  "C2'"  C  N N 87  
DC  "C1'"  C  N R 88  
DC  N1     N  N N 89  
DC  C2     C  N N 90  
DC  O2     O  N N 91  
DC  N3     N  N N 92  
DC  C4     C  N N 93  
DC  N4     N  N N 94  
DC  C5     C  N N 95  
DC  C6     C  N N 96  
DC  HOP3   H  N N 97  
DC  HOP2   H  N N 98  
DC  "H5'"  H  N N 99  
DC  "H5''" H  N N 100 
DC  "H4'"  H  N N 101 
DC  "H3'"  H  N N 102 
DC  "HO3'" H  N N 103 
DC  "H2'"  H  N N 104 
DC  "H2''" H  N N 105 
DC  "H1'"  H  N N 106 
DC  H41    H  N N 107 
DC  H42    H  N N 108 
DC  H5     H  N N 109 
DC  H6     H  N N 110 
DG  OP3    O  N N 111 
DG  P      P  N N 112 
DG  OP1    O  N N 113 
DG  OP2    O  N N 114 
DG  "O5'"  O  N N 115 
DG  "C5'"  C  N N 116 
DG  "C4'"  C  N R 117 
DG  "O4'"  O  N N 118 
DG  "C3'"  C  N S 119 
DG  "O3'"  O  N N 120 
DG  "C2'"  C  N N 121 
DG  "C1'"  C  N R 122 
DG  N9     N  Y N 123 
DG  C8     C  Y N 124 
DG  N7     N  Y N 125 
DG  C5     C  Y N 126 
DG  C6     C  N N 127 
DG  O6     O  N N 128 
DG  N1     N  N N 129 
DG  C2     C  N N 130 
DG  N2     N  N N 131 
DG  N3     N  N N 132 
DG  C4     C  Y N 133 
DG  HOP3   H  N N 134 
DG  HOP2   H  N N 135 
DG  "H5'"  H  N N 136 
DG  "H5''" H  N N 137 
DG  "H4'"  H  N N 138 
DG  "H3'"  H  N N 139 
DG  "HO3'" H  N N 140 
DG  "H2'"  H  N N 141 
DG  "H2''" H  N N 142 
DG  "H1'"  H  N N 143 
DG  H8     H  N N 144 
DG  H1     H  N N 145 
DG  H21    H  N N 146 
DG  H22    H  N N 147 
HOH O      O  N N 148 
HOH H1     H  N N 149 
HOH H2     H  N N 150 
PT  PT     PT N N 151 
# 
loop_
_chem_comp_bond.comp_id 
_chem_comp_bond.atom_id_1 
_chem_comp_bond.atom_id_2 
_chem_comp_bond.value_order 
_chem_comp_bond.pdbx_aromatic_flag 
_chem_comp_bond.pdbx_stereo_config 
_chem_comp_bond.pdbx_ordinal 
2ST OP3   P      sing N N 1   
2ST OP3   HOP3   sing N N 2   
2ST P     OP1    doub N N 3   
2ST P     OP2    sing N N 4   
2ST P     "O5'"  sing N N 5   
2ST OP2   HOP2   sing N N 6   
2ST "O5'" "C5'"  sing N N 7   
2ST N1    C6     sing N N 8   
2ST N1    C2     sing N N 9   
2ST N1    "C1'"  sing N N 10  
2ST C6    C5     doub N N 11  
2ST C6    H6     sing N N 12  
2ST C2    O2     doub N N 13  
2ST C2    N3     sing N N 14  
2ST N3    C4     sing N N 15  
2ST N3    HN3    sing N N 16  
2ST C4    O4     doub N N 17  
2ST C4    C5     sing N N 18  
2ST C5    C5A    sing N N 19  
2ST C5A   H5A1   sing N N 20  
2ST C5A   H5A2   sing N N 21  
2ST C5A   H5A3   sing N N 22  
2ST "C2'" "C1'"  sing N N 23  
2ST "C2'" "C3'"  sing N N 24  
2ST "C2'" SE     sing N N 25  
2ST "C2'" "H2'"  sing N N 26  
2ST "C5'" "C4'"  sing N N 27  
2ST "C5'" "H5'"  sing N N 28  
2ST "C5'" "H5''" sing N N 29  
2ST "C4'" "O4'"  sing N N 30  
2ST "C4'" "C3'"  sing N N 31  
2ST "C4'" "H4'"  sing N N 32  
2ST "O4'" "C1'"  sing N N 33  
2ST "C1'" "H1'"  sing N N 34  
2ST "C3'" "O3'"  sing N N 35  
2ST "C3'" "H3'"  sing N N 36  
2ST SE    "CA'"  sing N N 37  
2ST "CA'" "HA'1" sing N N 38  
2ST "CA'" "HA'2" sing N N 39  
2ST "CA'" "HA'3" sing N N 40  
2ST "O3'" "HO3'" sing N N 41  
DA  OP3   P      sing N N 42  
DA  OP3   HOP3   sing N N 43  
DA  P     OP1    doub N N 44  
DA  P     OP2    sing N N 45  
DA  P     "O5'"  sing N N 46  
DA  OP2   HOP2   sing N N 47  
DA  "O5'" "C5'"  sing N N 48  
DA  "C5'" "C4'"  sing N N 49  
DA  "C5'" "H5'"  sing N N 50  
DA  "C5'" "H5''" sing N N 51  
DA  "C4'" "O4'"  sing N N 52  
DA  "C4'" "C3'"  sing N N 53  
DA  "C4'" "H4'"  sing N N 54  
DA  "O4'" "C1'"  sing N N 55  
DA  "C3'" "O3'"  sing N N 56  
DA  "C3'" "C2'"  sing N N 57  
DA  "C3'" "H3'"  sing N N 58  
DA  "O3'" "HO3'" sing N N 59  
DA  "C2'" "C1'"  sing N N 60  
DA  "C2'" "H2'"  sing N N 61  
DA  "C2'" "H2''" sing N N 62  
DA  "C1'" N9     sing N N 63  
DA  "C1'" "H1'"  sing N N 64  
DA  N9    C8     sing Y N 65  
DA  N9    C4     sing Y N 66  
DA  C8    N7     doub Y N 67  
DA  C8    H8     sing N N 68  
DA  N7    C5     sing Y N 69  
DA  C5    C6     sing Y N 70  
DA  C5    C4     doub Y N 71  
DA  C6    N6     sing N N 72  
DA  C6    N1     doub Y N 73  
DA  N6    H61    sing N N 74  
DA  N6    H62    sing N N 75  
DA  N1    C2     sing Y N 76  
DA  C2    N3     doub Y N 77  
DA  C2    H2     sing N N 78  
DA  N3    C4     sing Y N 79  
DC  OP3   P      sing N N 80  
DC  OP3   HOP3   sing N N 81  
DC  P     OP1    doub N N 82  
DC  P     OP2    sing N N 83  
DC  P     "O5'"  sing N N 84  
DC  OP2   HOP2   sing N N 85  
DC  "O5'" "C5'"  sing N N 86  
DC  "C5'" "C4'"  sing N N 87  
DC  "C5'" "H5'"  sing N N 88  
DC  "C5'" "H5''" sing N N 89  
DC  "C4'" "O4'"  sing N N 90  
DC  "C4'" "C3'"  sing N N 91  
DC  "C4'" "H4'"  sing N N 92  
DC  "O4'" "C1'"  sing N N 93  
DC  "C3'" "O3'"  sing N N 94  
DC  "C3'" "C2'"  sing N N 95  
DC  "C3'" "H3'"  sing N N 96  
DC  "O3'" "HO3'" sing N N 97  
DC  "C2'" "C1'"  sing N N 98  
DC  "C2'" "H2'"  sing N N 99  
DC  "C2'" "H2''" sing N N 100 
DC  "C1'" N1     sing N N 101 
DC  "C1'" "H1'"  sing N N 102 
DC  N1    C2     sing N N 103 
DC  N1    C6     sing N N 104 
DC  C2    O2     doub N N 105 
DC  C2    N3     sing N N 106 
DC  N3    C4     doub N N 107 
DC  C4    N4     sing N N 108 
DC  C4    C5     sing N N 109 
DC  N4    H41    sing N N 110 
DC  N4    H42    sing N N 111 
DC  C5    C6     doub N N 112 
DC  C5    H5     sing N N 113 
DC  C6    H6     sing N N 114 
DG  OP3   P      sing N N 115 
DG  OP3   HOP3   sing N N 116 
DG  P     OP1    doub N N 117 
DG  P     OP2    sing N N 118 
DG  P     "O5'"  sing N N 119 
DG  OP2   HOP2   sing N N 120 
DG  "O5'" "C5'"  sing N N 121 
DG  "C5'" "C4'"  sing N N 122 
DG  "C5'" "H5'"  sing N N 123 
DG  "C5'" "H5''" sing N N 124 
DG  "C4'" "O4'"  sing N N 125 
DG  "C4'" "C3'"  sing N N 126 
DG  "C4'" "H4'"  sing N N 127 
DG  "O4'" "C1'"  sing N N 128 
DG  "C3'" "O3'"  sing N N 129 
DG  "C3'" "C2'"  sing N N 130 
DG  "C3'" "H3'"  sing N N 131 
DG  "O3'" "HO3'" sing N N 132 
DG  "C2'" "C1'"  sing N N 133 
DG  "C2'" "H2'"  sing N N 134 
DG  "C2'" "H2''" sing N N 135 
DG  "C1'" N9     sing N N 136 
DG  "C1'" "H1'"  sing N N 137 
DG  N9    C8     sing Y N 138 
DG  N9    C4     sing Y N 139 
DG  C8    N7     doub Y N 140 
DG  C8    H8     sing N N 141 
DG  N7    C5     sing Y N 142 
DG  C5    C6     sing N N 143 
DG  C5    C4     doub Y N 144 
DG  C6    O6     doub N N 145 
DG  C6    N1     sing N N 146 
DG  N1    C2     sing N N 147 
DG  N1    H1     sing N N 148 
DG  C2    N2     sing N N 149 
DG  C2    N3     doub N N 150 
DG  N2    H21    sing N N 151 
DG  N2    H22    sing N N 152 
DG  N3    C4     sing N N 153 
HOH O     H1     sing N N 154 
HOH O     H2     sing N N 155 
# 
_ndb_struct_conf_na.entry_id   4I1G 
_ndb_struct_conf_na.feature    'a-form double helix' 
# 
loop_
_ndb_struct_na_base_pair.model_number 
_ndb_struct_na_base_pair.i_label_asym_id 
_ndb_struct_na_base_pair.i_label_comp_id 
_ndb_struct_na_base_pair.i_label_seq_id 
_ndb_struct_na_base_pair.i_symmetry 
_ndb_struct_na_base_pair.j_label_asym_id 
_ndb_struct_na_base_pair.j_label_comp_id 
_ndb_struct_na_base_pair.j_label_seq_id 
_ndb_struct_na_base_pair.j_symmetry 
_ndb_struct_na_base_pair.shear 
_ndb_struct_na_base_pair.stretch 
_ndb_struct_na_base_pair.stagger 
_ndb_struct_na_base_pair.buckle 
_ndb_struct_na_base_pair.propeller 
_ndb_struct_na_base_pair.opening 
_ndb_struct_na_base_pair.pair_number 
_ndb_struct_na_base_pair.pair_name 
_ndb_struct_na_base_pair.i_auth_asym_id 
_ndb_struct_na_base_pair.i_auth_seq_id 
_ndb_struct_na_base_pair.i_PDB_ins_code 
_ndb_struct_na_base_pair.j_auth_asym_id 
_ndb_struct_na_base_pair.j_auth_seq_id 
_ndb_struct_na_base_pair.j_PDB_ins_code 
_ndb_struct_na_base_pair.hbond_type_28 
_ndb_struct_na_base_pair.hbond_type_12 
1 A DG  1 1_555 A DC  8 8_554 -0.257 -0.007 -0.456 -23.734 -9.429  -1.086 1 A_DG1:DC8_A  A 1 ? A 8 ? 19 1 
1 A 2ST 2 1_555 A DA  7 8_554 -0.075 -0.060 0.144  -8.686  -10.785 0.047  2 A_2ST2:DA7_A A 2 ? A 7 ? 20 1 
1 A DG  3 1_555 A DC  6 8_554 -0.184 -0.205 0.046  -5.325  -10.360 -2.138 3 A_DG3:DC6_A  A 3 ? A 6 ? 19 1 
1 A DG  4 1_555 A DC  5 8_554 -0.121 -0.120 0.078  -6.908  -15.356 -0.011 4 A_DG4:DC5_A  A 4 ? A 5 ? 19 1 
1 A DC  5 1_555 A DG  4 8_554 0.121  -0.120 0.078  6.907   -15.356 -0.011 5 A_DC5:DG4_A  A 5 ? A 4 ? 19 1 
1 A DC  6 1_555 A DG  3 8_554 0.184  -0.205 0.046  5.325   -10.360 -2.138 6 A_DC6:DG3_A  A 6 ? A 3 ? 19 1 
1 A DA  7 1_555 A 2ST 2 8_554 0.075  -0.060 0.144  8.686   -10.785 0.047  7 A_DA7:2ST2_A A 7 ? A 2 ? 20 1 
1 A DC  8 1_555 A DG  1 8_554 0.257  -0.007 -0.456 23.734  -9.429  -1.086 8 A_DC8:DG1_A  A 8 ? A 1 ? 19 1 
# 
loop_
_ndb_struct_na_base_pair_step.model_number 
_ndb_struct_na_base_pair_step.i_label_asym_id_1 
_ndb_struct_na_base_pair_step.i_label_comp_id_1 
_ndb_struct_na_base_pair_step.i_label_seq_id_1 
_ndb_struct_na_base_pair_step.i_symmetry_1 
_ndb_struct_na_base_pair_step.j_label_asym_id_1 
_ndb_struct_na_base_pair_step.j_label_comp_id_1 
_ndb_struct_na_base_pair_step.j_label_seq_id_1 
_ndb_struct_na_base_pair_step.j_symmetry_1 
_ndb_struct_na_base_pair_step.i_label_asym_id_2 
_ndb_struct_na_base_pair_step.i_label_comp_id_2 
_ndb_struct_na_base_pair_step.i_label_seq_id_2 
_ndb_struct_na_base_pair_step.i_symmetry_2 
_ndb_struct_na_base_pair_step.j_label_asym_id_2 
_ndb_struct_na_base_pair_step.j_label_comp_id_2 
_ndb_struct_na_base_pair_step.j_label_seq_id_2 
_ndb_struct_na_base_pair_step.j_symmetry_2 
_ndb_struct_na_base_pair_step.shift 
_ndb_struct_na_base_pair_step.slide 
_ndb_struct_na_base_pair_step.rise 
_ndb_struct_na_base_pair_step.tilt 
_ndb_struct_na_base_pair_step.roll 
_ndb_struct_na_base_pair_step.twist 
_ndb_struct_na_base_pair_step.x_displacement 
_ndb_struct_na_base_pair_step.y_displacement 
_ndb_struct_na_base_pair_step.helical_rise 
_ndb_struct_na_base_pair_step.inclination 
_ndb_struct_na_base_pair_step.tip 
_ndb_struct_na_base_pair_step.helical_twist 
_ndb_struct_na_base_pair_step.step_number 
_ndb_struct_na_base_pair_step.step_name 
_ndb_struct_na_base_pair_step.i_auth_asym_id_1 
_ndb_struct_na_base_pair_step.i_auth_seq_id_1 
_ndb_struct_na_base_pair_step.i_PDB_ins_code_1 
_ndb_struct_na_base_pair_step.j_auth_asym_id_1 
_ndb_struct_na_base_pair_step.j_auth_seq_id_1 
_ndb_struct_na_base_pair_step.j_PDB_ins_code_1 
_ndb_struct_na_base_pair_step.i_auth_asym_id_2 
_ndb_struct_na_base_pair_step.i_auth_seq_id_2 
_ndb_struct_na_base_pair_step.i_PDB_ins_code_2 
_ndb_struct_na_base_pair_step.j_auth_asym_id_2 
_ndb_struct_na_base_pair_step.j_auth_seq_id_2 
_ndb_struct_na_base_pair_step.j_PDB_ins_code_2 
1 A DG  1 1_555 A DC  8 8_554 A 2ST 2 1_555 A DA  7 8_554 0.076  -0.951 3.055 -3.125 10.458 30.529 -3.344 -0.625 2.578 19.110 
5.710  32.378 1 AA_DG12ST2:DA7DC8_AA A 1 ? A 8 ? A 2 ? A 7 ? 
1 A 2ST 2 1_555 A DA  7 8_554 A DG  3 1_555 A DC  6 8_554 0.611  -1.465 3.124 2.646  10.289 27.916 -4.747 -0.698 2.486 20.416 
-5.250 29.831 2 AA_2ST2DG3:DC6DA7_AA A 2 ? A 7 ? A 3 ? A 6 ? 
1 A DG  3 1_555 A DC  6 8_554 A DG  4 1_555 A DC  5 8_554 0.418  -1.622 3.281 2.332  5.467  35.506 -3.382 -0.355 3.027 8.887  
-3.792 35.984 3 AA_DG3DG4:DC5DC6_AA  A 3 ? A 6 ? A 4 ? A 5 ? 
1 A DG  4 1_555 A DC  5 8_554 A DC  5 1_555 A DG  4 8_554 0.000  -0.886 2.986 0.000  5.246  28.842 -2.759 0.000  2.784 10.423 
0.000  29.306 4 AA_DG4DC5:DG4DC5_AA  A 4 ? A 5 ? A 5 ? A 4 ? 
1 A DC  5 1_555 A DG  4 8_554 A DC  6 1_555 A DG  3 8_554 -0.418 -1.622 3.281 -2.332 5.467  35.506 -3.382 0.355  3.027 8.887  
3.792  35.984 5 AA_DC5DC6:DG3DG4_AA  A 5 ? A 4 ? A 6 ? A 3 ? 
1 A DC  6 1_555 A DG  3 8_554 A DA  7 1_555 A 2ST 2 8_554 -0.611 -1.465 3.124 -2.646 10.289 27.916 -4.747 0.698  2.486 20.416 
5.250  29.831 6 AA_DC6DA7:2ST2DG3_AA A 6 ? A 3 ? A 7 ? A 2 ? 
1 A DA  7 1_555 A 2ST 2 8_554 A DC  8 1_555 A DG  1 8_554 -0.076 -0.951 3.055 3.125  10.458 30.529 -3.344 0.625  2.578 19.110 
-5.710 32.378 7 AA_DA7DC8:DG12ST2_AA A 7 ? A 2 ? A 8 ? A 1 ? 
# 
loop_
_pdbx_entity_nonpoly.entity_id 
_pdbx_entity_nonpoly.name 
_pdbx_entity_nonpoly.comp_id 
2 'PLATINUM (II) ION' PT  
3 water               HOH 
# 
_pdbx_initial_refinement_model.id               1 
_pdbx_initial_refinement_model.entity_id_list   ? 
_pdbx_initial_refinement_model.type             'experimental model' 
_pdbx_initial_refinement_model.source_name      PDB 
_pdbx_initial_refinement_model.accession_code   1DNS 
_pdbx_initial_refinement_model.details          ? 
# 
